data_6F8S
#
_entry.id   6F8S
#
_cell.length_a   56.030
_cell.length_b   56.030
_cell.length_c   128.190
_cell.angle_alpha   90.00
_cell.angle_beta   90.00
_cell.angle_gamma   90.00
#
_symmetry.space_group_name_H-M   'P 41'
#
loop_
_entity.id
_entity.type
_entity.pdbx_description
1 polymer 'XRE family transcriptional regulator'
2 polymer 'Putative Killer protein'
3 non-polymer 'SULFATE ION'
4 non-polymer DI(HYDROXYETHYL)ETHER
5 water water
#
loop_
_entity_poly.entity_id
_entity_poly.type
_entity_poly.pdbx_seq_one_letter_code
_entity_poly.pdbx_strand_id
1 'polypeptide(L)'
;MLKNGMRPIHPGEILREEFQKEMGFSAAALARALGVATPTVNNILRERGGVSADMALRLSICLDTTPEFWLNLQTAFDLR
TAEQQHGDEIIGSVQRLVA
;
A,C
2 'polypeptide(L)'
;MHHHHHHIRSFSCADTEALFTTGKTRRGSDIKSVAERKLAMLDAATELRDLRSPPGNRLESLSGNRADQHSIRVNDQWRL
CFTWTEHGPVNVEIVDYH
;
B,D
#
loop_
_chem_comp.id
_chem_comp.type
_chem_comp.name
_chem_comp.formula
PEG non-polymer DI(HYDROXYETHYL)ETHER 'C4 H10 O3'
SO4 non-polymer 'SULFATE ION' 'O4 S -2'
#
# COMPACT_ATOMS: atom_id res chain seq x y z
N MET A 6 -3.73 -15.17 5.17
CA MET A 6 -3.31 -16.08 6.23
C MET A 6 -2.99 -15.22 7.47
N ARG A 7 -1.90 -15.45 8.18
CA ARG A 7 -1.69 -14.67 9.42
C ARG A 7 -1.23 -13.22 9.21
N PRO A 8 -1.69 -12.29 10.08
CA PRO A 8 -1.16 -10.94 9.90
C PRO A 8 0.34 -10.91 10.18
N ILE A 9 1.12 -10.21 9.36
CA ILE A 9 2.57 -10.16 9.56
C ILE A 9 3.01 -8.73 9.82
N HIS A 10 3.35 -8.46 11.06
CA HIS A 10 3.70 -7.13 11.49
C HIS A 10 5.03 -6.75 10.87
N PRO A 11 5.14 -5.50 10.37
CA PRO A 11 6.41 -5.05 9.77
C PRO A 11 7.58 -5.21 10.75
N GLY A 12 7.28 -5.18 12.04
CA GLY A 12 8.27 -5.45 13.07
C GLY A 12 8.86 -6.84 13.01
N GLU A 13 8.07 -7.82 12.59
CA GLU A 13 8.60 -9.18 12.43
C GLU A 13 9.67 -9.19 11.32
N ILE A 14 9.42 -8.47 10.24
CA ILE A 14 10.41 -8.36 9.17
C ILE A 14 11.70 -7.69 9.67
N LEU A 15 11.53 -6.56 10.36
CA LEU A 15 12.67 -5.83 10.88
C LEU A 15 13.48 -6.75 11.79
N ARG A 16 12.79 -7.45 12.69
CA ARG A 16 13.49 -8.30 13.65
C ARG A 16 14.13 -9.50 12.98
N GLU A 17 13.33 -10.27 12.24
CA GLU A 17 13.78 -11.54 11.70
C GLU A 17 14.66 -11.44 10.47
N GLU A 18 14.40 -10.45 9.62
CA GLU A 18 15.07 -10.40 8.34
C GLU A 18 16.23 -9.41 8.31
N PHE A 19 16.24 -8.46 9.26
CA PHE A 19 17.37 -7.53 9.37
C PHE A 19 18.14 -7.72 10.68
N GLN A 20 17.48 -7.48 11.81
CA GLN A 20 18.16 -7.42 13.10
C GLN A 20 18.92 -8.71 13.44
N LYS A 21 18.33 -9.86 13.14
CA LYS A 21 18.93 -11.13 13.53
C LYS A 21 20.27 -11.36 12.85
N GLU A 22 20.32 -11.11 11.55
CA GLU A 22 21.51 -11.42 10.76
C GLU A 22 22.56 -10.33 10.91
N MET A 23 22.11 -9.09 11.11
CA MET A 23 23.02 -7.96 11.27
C MET A 23 23.58 -7.91 12.69
N GLY A 24 22.68 -7.98 13.67
CA GLY A 24 23.09 -8.05 15.05
C GLY A 24 22.83 -6.81 15.88
N PHE A 25 22.60 -5.66 15.23
CA PHE A 25 22.42 -4.39 15.93
C PHE A 25 21.37 -4.46 17.06
N SER A 26 21.55 -3.65 18.09
CA SER A 26 20.54 -3.52 19.13
C SER A 26 19.49 -2.49 18.71
N ALA A 27 18.37 -2.45 19.43
CA ALA A 27 17.31 -1.51 19.16
C ALA A 27 17.85 -0.09 19.19
N ALA A 28 18.73 0.17 20.15
CA ALA A 28 19.36 1.48 20.32
C ALA A 28 20.20 1.88 19.12
N ALA A 29 21.02 0.96 18.61
CA ALA A 29 21.86 1.25 17.45
C ALA A 29 21.00 1.63 16.25
N LEU A 30 19.95 0.85 16.03
CA LEU A 30 19.03 1.13 14.95
C LEU A 30 18.41 2.51 15.16
N ALA A 31 17.90 2.74 16.37
CA ALA A 31 17.30 4.01 16.76
C ALA A 31 18.24 5.19 16.51
N ARG A 32 19.51 5.05 16.88
CA ARG A 32 20.49 6.11 16.62
C ARG A 32 20.64 6.41 15.12
N ALA A 33 20.74 5.35 14.32
CA ALA A 33 20.86 5.46 12.87
C ALA A 33 19.67 6.17 12.23
N LEU A 34 18.47 5.88 12.69
CA LEU A 34 17.26 6.46 12.13
C LEU A 34 17.00 7.90 12.60
N GLY A 35 17.61 8.27 13.72
CA GLY A 35 17.35 9.54 14.38
C GLY A 35 16.05 9.58 15.16
N VAL A 36 15.70 8.49 15.86
CA VAL A 36 14.47 8.44 16.66
C VAL A 36 14.76 7.88 18.06
N ALA A 37 13.86 8.10 19.00
CA ALA A 37 14.03 7.56 20.36
C ALA A 37 13.90 6.05 20.33
N THR A 38 14.77 5.38 21.08
CA THR A 38 14.84 3.93 21.10
C THR A 38 13.50 3.23 21.36
N PRO A 39 12.68 3.76 22.29
CA PRO A 39 11.37 3.11 22.44
C PRO A 39 10.48 3.10 21.18
N THR A 40 10.76 3.97 20.20
CA THR A 40 9.97 3.99 18.97
C THR A 40 10.30 2.73 18.17
N VAL A 41 11.58 2.42 18.10
CA VAL A 41 12.05 1.25 17.38
C VAL A 41 11.62 -0.04 18.09
N ASN A 42 11.66 -0.04 19.41
CA ASN A 42 11.36 -1.27 20.14
C ASN A 42 9.86 -1.61 20.10
N ASN A 43 9.01 -0.59 20.17
CA ASN A 43 7.58 -0.73 19.92
C ASN A 43 7.29 -1.51 18.64
N ILE A 44 8.09 -1.20 17.63
CA ILE A 44 7.97 -1.81 16.32
C ILE A 44 8.51 -3.22 16.37
N LEU A 45 9.73 -3.37 16.89
CA LEU A 45 10.39 -4.66 16.95
C LEU A 45 9.60 -5.66 17.80
N ARG A 46 8.93 -5.15 18.82
CA ARG A 46 8.18 -6.01 19.73
C ARG A 46 6.71 -6.04 19.27
N GLU A 47 6.49 -5.42 18.11
CA GLU A 47 5.22 -5.49 17.39
C GLU A 47 4.05 -4.87 18.16
N ARG A 48 4.34 -3.79 18.88
CA ARG A 48 3.31 -3.20 19.72
C ARG A 48 2.79 -1.90 19.14
N GLY A 49 3.43 -1.42 18.08
CA GLY A 49 2.98 -0.22 17.39
C GLY A 49 3.36 -0.27 15.93
N GLY A 50 2.79 0.62 15.12
CA GLY A 50 3.00 0.55 13.69
C GLY A 50 4.10 1.45 13.14
N VAL A 51 4.24 1.42 11.81
CA VAL A 51 5.24 2.21 11.13
C VAL A 51 4.56 3.38 10.40
N SER A 52 4.91 4.60 10.81
CA SER A 52 4.40 5.80 10.16
C SER A 52 5.15 6.03 8.84
N ALA A 53 4.59 6.91 8.00
CA ALA A 53 5.23 7.28 6.73
C ALA A 53 6.63 7.82 6.98
N ASP A 54 6.76 8.60 8.05
CA ASP A 54 8.04 9.16 8.50
C ASP A 54 9.06 8.08 8.85
N MET A 55 8.62 7.15 9.70
CA MET A 55 9.43 6.00 10.10
C MET A 55 9.82 5.19 8.87
N ALA A 56 8.86 5.04 7.95
CA ALA A 56 9.12 4.28 6.73
C ALA A 56 10.22 4.95 5.91
N LEU A 57 10.21 6.28 5.86
CA LEU A 57 11.25 7.00 5.13
C LEU A 57 12.61 6.76 5.76
N ARG A 58 12.67 6.90 7.08
CA ARG A 58 13.93 6.69 7.79
C ARG A 58 14.43 5.28 7.59
N LEU A 59 13.53 4.30 7.74
CA LEU A 59 13.90 2.91 7.53
C LEU A 59 14.44 2.67 6.11
N SER A 60 13.75 3.22 5.11
CA SER A 60 14.12 2.93 3.73
C SER A 60 15.50 3.51 3.40
N ILE A 61 15.80 4.68 3.96
CA ILE A 61 17.12 5.27 3.77
C ILE A 61 18.19 4.52 4.57
N CYS A 62 17.82 4.08 5.76
CA CYS A 62 18.77 3.39 6.63
C CYS A 62 19.15 2.02 6.14
N LEU A 63 18.17 1.29 5.60
CA LEU A 63 18.33 -0.14 5.32
C LEU A 63 18.32 -0.45 3.83
N ASP A 64 18.44 0.59 3.01
CA ASP A 64 18.39 0.49 1.55
C ASP A 64 17.16 -0.25 1.02
N THR A 65 15.98 0.23 1.38
CA THR A 65 14.74 -0.32 0.85
C THR A 65 13.91 0.84 0.29
N THR A 66 12.68 0.56 -0.11
CA THR A 66 11.75 1.61 -0.46
C THR A 66 10.89 1.89 0.77
N PRO A 67 10.37 3.12 0.89
CA PRO A 67 9.49 3.38 2.05
C PRO A 67 8.13 2.69 1.88
N GLU A 68 7.72 2.43 0.64
CA GLU A 68 6.47 1.75 0.36
C GLU A 68 6.52 0.29 0.79
N PHE A 69 7.71 -0.29 0.74
CA PHE A 69 7.91 -1.63 1.28
C PHE A 69 7.37 -1.71 2.71
N TRP A 70 7.76 -0.76 3.53
CA TRP A 70 7.35 -0.80 4.94
C TRP A 70 5.87 -0.44 5.12
N LEU A 71 5.36 0.50 4.32
CA LEU A 71 3.95 0.90 4.46
C LEU A 71 3.03 -0.20 3.94
N ASN A 72 3.45 -0.90 2.88
CA ASN A 72 2.68 -2.03 2.37
C ASN A 72 2.51 -3.16 3.38
N LEU A 73 3.56 -3.40 4.17
CA LEU A 73 3.51 -4.43 5.20
C LEU A 73 2.55 -3.99 6.31
N GLN A 74 2.62 -2.71 6.65
CA GLN A 74 1.76 -2.10 7.65
C GLN A 74 0.31 -2.14 7.20
N THR A 75 0.11 -1.84 5.91
CA THR A 75 -1.22 -1.87 5.32
C THR A 75 -1.81 -3.27 5.32
N ALA A 76 -1.02 -4.27 4.93
CA ALA A 76 -1.50 -5.64 4.85
C ALA A 76 -1.79 -6.12 6.27
N PHE A 77 -0.94 -5.71 7.21
CA PHE A 77 -1.12 -6.10 8.61
C PHE A 77 -2.38 -5.52 9.25
N ASP A 78 -2.56 -4.20 9.13
CA ASP A 78 -3.74 -3.57 9.70
C ASP A 78 -4.99 -4.16 9.10
N LEU A 79 -4.93 -4.46 7.80
CA LEU A 79 -6.11 -4.95 7.10
C LEU A 79 -6.45 -6.38 7.47
N ARG A 80 -5.46 -7.27 7.55
CA ARG A 80 -5.75 -8.65 7.98
C ARG A 80 -6.30 -8.64 9.39
N THR A 81 -5.67 -7.85 10.25
CA THR A 81 -6.13 -7.73 11.63
C THR A 81 -7.60 -7.34 11.68
N ALA A 82 -7.91 -6.18 11.11
CA ALA A 82 -9.29 -5.66 11.03
C ALA A 82 -10.25 -6.72 10.50
N GLU A 83 -9.88 -7.35 9.39
CA GLU A 83 -10.70 -8.37 8.78
C GLU A 83 -11.02 -9.53 9.71
N GLN A 84 -10.06 -9.96 10.52
CA GLN A 84 -10.37 -11.11 11.35
C GLN A 84 -10.75 -10.69 12.78
N GLN A 85 -10.87 -9.39 13.02
CA GLN A 85 -11.40 -8.91 14.28
C GLN A 85 -12.84 -8.42 14.12
N HIS A 86 -13.11 -7.73 13.02
CA HIS A 86 -14.35 -6.99 12.86
C HIS A 86 -15.03 -7.27 11.54
N GLY A 87 -14.40 -8.11 10.72
CA GLY A 87 -14.90 -8.47 9.41
C GLY A 87 -16.38 -8.85 9.33
N ASP A 88 -16.79 -9.89 10.05
CA ASP A 88 -18.18 -10.32 10.02
C ASP A 88 -19.11 -9.25 10.60
N GLU A 89 -18.67 -8.59 11.65
CA GLU A 89 -19.43 -7.48 12.22
C GLU A 89 -19.65 -6.38 11.17
N ILE A 90 -18.66 -6.17 10.32
CA ILE A 90 -18.75 -5.10 9.32
C ILE A 90 -19.53 -5.53 8.09
N ILE A 91 -19.34 -6.77 7.66
CA ILE A 91 -20.00 -7.19 6.43
C ILE A 91 -21.49 -7.36 6.70
N GLY A 92 -21.82 -7.67 7.96
CA GLY A 92 -23.20 -7.90 8.31
C GLY A 92 -23.99 -6.61 8.47
N SER A 93 -23.30 -5.50 8.67
CA SER A 93 -24.00 -4.28 9.05
C SER A 93 -23.97 -3.13 8.00
N VAL A 94 -22.89 -3.02 7.24
CA VAL A 94 -22.72 -1.92 6.28
C VAL A 94 -23.75 -1.91 5.13
N GLN A 95 -24.35 -0.75 4.87
CA GLN A 95 -25.30 -0.57 3.75
C GLN A 95 -24.58 -0.30 2.43
N ARG A 96 -25.00 -1.01 1.38
CA ARG A 96 -24.35 -0.98 0.07
C ARG A 96 -24.96 0.12 -0.82
N LEU A 97 -24.18 1.17 -1.09
CA LEU A 97 -24.67 2.33 -1.87
C LEU A 97 -24.31 2.29 -3.36
N VAL A 98 -23.44 1.36 -3.75
CA VAL A 98 -22.94 1.31 -5.13
C VAL A 98 -23.06 -0.10 -5.71
N ALA A 99 -23.66 -0.23 -6.89
CA ALA A 99 -23.81 -1.53 -7.57
C ALA A 99 -22.51 -2.32 -7.62
N SER B 29 11.35 -19.30 13.29
CA SER B 29 12.12 -20.51 13.03
C SER B 29 11.36 -21.42 12.06
N ASP B 30 10.22 -21.93 12.54
CA ASP B 30 9.27 -22.73 11.77
C ASP B 30 9.24 -22.41 10.28
N ILE B 31 9.42 -23.42 9.43
CA ILE B 31 9.55 -23.20 7.99
C ILE B 31 8.33 -22.54 7.36
N LYS B 32 7.13 -22.95 7.78
CA LYS B 32 5.91 -22.37 7.25
C LYS B 32 5.85 -20.86 7.56
N SER B 33 6.17 -20.50 8.81
CA SER B 33 6.16 -19.12 9.24
C SER B 33 7.14 -18.27 8.44
N VAL B 34 8.33 -18.81 8.18
CA VAL B 34 9.34 -18.12 7.39
C VAL B 34 8.84 -17.94 5.95
N ALA B 35 8.23 -18.99 5.40
CA ALA B 35 7.65 -18.93 4.06
C ALA B 35 6.61 -17.85 3.96
N GLU B 36 5.80 -17.74 5.00
CA GLU B 36 4.72 -16.78 5.02
C GLU B 36 5.26 -15.38 4.99
N ARG B 37 6.39 -15.21 5.65
CA ARG B 37 7.05 -13.94 5.76
C ARG B 37 7.71 -13.56 4.43
N LYS B 38 8.33 -14.54 3.78
CA LYS B 38 8.96 -14.32 2.48
C LYS B 38 7.91 -13.95 1.44
N LEU B 39 6.80 -14.69 1.44
CA LEU B 39 5.68 -14.32 0.57
C LEU B 39 5.18 -12.90 0.90
N ALA B 40 5.11 -12.54 2.17
CA ALA B 40 4.73 -11.18 2.57
C ALA B 40 5.64 -10.12 1.94
N MET B 41 6.95 -10.34 2.04
CA MET B 41 7.91 -9.39 1.51
C MET B 41 7.81 -9.27 0.01
N LEU B 42 7.71 -10.43 -0.67
CA LEU B 42 7.55 -10.46 -2.12
C LEU B 42 6.35 -9.62 -2.57
N ASP B 43 5.22 -9.80 -1.91
CA ASP B 43 4.04 -9.03 -2.25
C ASP B 43 4.23 -7.53 -1.92
N ALA B 44 5.00 -7.21 -0.89
CA ALA B 44 5.14 -5.83 -0.48
C ALA B 44 6.21 -5.08 -1.29
N ALA B 45 7.10 -5.80 -1.96
CA ALA B 45 8.24 -5.20 -2.62
C ALA B 45 7.85 -4.26 -3.76
N THR B 46 8.52 -3.12 -3.80
CA THR B 46 8.27 -2.11 -4.80
C THR B 46 9.45 -2.00 -5.75
N GLU B 47 10.63 -2.32 -5.23
CA GLU B 47 11.86 -2.31 -6.01
C GLU B 47 12.69 -3.54 -5.63
N LEU B 48 13.54 -3.99 -6.54
CA LEU B 48 14.40 -5.13 -6.30
C LEU B 48 15.24 -4.99 -5.02
N ARG B 49 15.59 -3.77 -4.63
CA ARG B 49 16.36 -3.56 -3.40
C ARG B 49 15.60 -4.07 -2.17
N ASP B 50 14.27 -4.04 -2.24
CA ASP B 50 13.45 -4.52 -1.16
C ASP B 50 13.70 -6.01 -0.91
N LEU B 51 14.11 -6.74 -1.94
CA LEU B 51 14.38 -8.17 -1.77
C LEU B 51 15.86 -8.43 -1.61
N ARG B 52 16.69 -7.59 -2.21
CA ARG B 52 18.14 -7.70 -2.10
C ARG B 52 18.70 -7.22 -0.76
N SER B 53 18.09 -6.18 -0.19
CA SER B 53 18.65 -5.59 1.02
C SER B 53 18.56 -6.47 2.27
N PRO B 54 17.40 -7.12 2.53
CA PRO B 54 17.38 -7.88 3.79
C PRO B 54 18.38 -9.01 3.76
N PRO B 55 19.36 -9.01 4.68
CA PRO B 55 20.38 -10.06 4.59
C PRO B 55 19.78 -11.46 4.81
N GLY B 56 18.65 -11.54 5.52
CA GLY B 56 17.93 -12.79 5.64
C GLY B 56 17.43 -13.38 4.33
N ASN B 57 17.36 -12.58 3.27
CA ASN B 57 16.92 -13.08 1.97
C ASN B 57 18.02 -13.77 1.23
N ARG B 58 19.27 -13.40 1.55
CA ARG B 58 20.46 -13.87 0.83
C ARG B 58 20.19 -13.95 -0.67
N LEU B 59 19.76 -12.82 -1.24
CA LEU B 59 19.35 -12.77 -2.64
C LEU B 59 20.47 -13.24 -3.58
N GLU B 60 20.10 -14.08 -4.55
CA GLU B 60 21.03 -14.55 -5.56
C GLU B 60 20.37 -14.56 -6.93
N SER B 61 21.18 -14.66 -7.98
CA SER B 61 20.67 -14.55 -9.34
C SER B 61 21.12 -15.72 -10.20
N ARG B 66 19.39 -8.15 -13.26
CA ARG B 66 18.22 -7.67 -12.53
C ARG B 66 16.94 -8.17 -13.18
N ALA B 67 16.99 -8.48 -14.48
CA ALA B 67 15.84 -9.02 -15.20
C ALA B 67 15.87 -10.54 -15.15
N ASP B 68 17.06 -11.09 -14.92
CA ASP B 68 17.23 -12.51 -14.73
C ASP B 68 16.41 -12.95 -13.52
N GLN B 69 16.12 -14.24 -13.43
CA GLN B 69 15.43 -14.77 -12.27
C GLN B 69 16.31 -14.57 -11.04
N HIS B 70 15.69 -14.27 -9.90
CA HIS B 70 16.43 -14.21 -8.64
C HIS B 70 15.78 -15.18 -7.66
N SER B 71 16.44 -15.40 -6.54
CA SER B 71 15.88 -16.25 -5.51
C SER B 71 16.24 -15.75 -4.12
N ILE B 72 15.35 -16.01 -3.16
CA ILE B 72 15.61 -15.67 -1.78
C ILE B 72 15.59 -16.93 -0.92
N ARG B 73 16.45 -16.97 0.08
CA ARG B 73 16.54 -18.10 0.98
C ARG B 73 15.28 -18.21 1.83
N VAL B 74 14.67 -19.39 1.87
CA VAL B 74 13.65 -19.71 2.87
C VAL B 74 14.33 -20.47 4.02
N ASN B 75 15.09 -21.51 3.67
CA ASN B 75 16.06 -22.12 4.58
C ASN B 75 17.21 -22.73 3.79
N ASP B 76 18.00 -23.59 4.45
CA ASP B 76 19.15 -24.20 3.80
C ASP B 76 18.74 -25.07 2.60
N GLN B 77 17.50 -25.55 2.60
CA GLN B 77 17.02 -26.45 1.55
C GLN B 77 16.23 -25.69 0.46
N TRP B 78 15.29 -24.84 0.88
CA TRP B 78 14.34 -24.25 -0.06
C TRP B 78 14.58 -22.78 -0.34
N ARG B 79 14.39 -22.43 -1.60
CA ARG B 79 14.44 -21.04 -2.05
C ARG B 79 13.25 -20.70 -2.94
N LEU B 80 12.76 -19.47 -2.78
CA LEU B 80 11.76 -18.92 -3.70
C LEU B 80 12.44 -18.30 -4.91
N CYS B 81 12.20 -18.87 -6.09
CA CYS B 81 12.64 -18.27 -7.37
C CYS B 81 11.54 -17.36 -7.90
N PHE B 82 11.93 -16.32 -8.63
CA PHE B 82 10.97 -15.38 -9.23
C PHE B 82 11.64 -14.49 -10.27
N THR B 83 10.80 -13.85 -11.09
CA THR B 83 11.28 -12.81 -11.97
C THR B 83 10.80 -11.43 -11.53
N TRP B 84 11.72 -10.47 -11.50
CA TRP B 84 11.37 -9.12 -11.16
C TRP B 84 10.84 -8.35 -12.38
N THR B 85 9.68 -7.73 -12.23
CA THR B 85 9.19 -6.80 -13.24
C THR B 85 8.94 -5.45 -12.58
N GLU B 86 8.60 -4.46 -13.41
CA GLU B 86 8.18 -3.16 -12.91
C GLU B 86 7.02 -3.34 -11.94
N HIS B 87 6.16 -4.31 -12.22
CA HIS B 87 4.96 -4.51 -11.43
C HIS B 87 5.10 -5.59 -10.36
N GLY B 88 6.34 -5.87 -9.94
CA GLY B 88 6.59 -6.76 -8.82
C GLY B 88 7.02 -8.17 -9.18
N PRO B 89 7.12 -9.07 -8.19
CA PRO B 89 7.56 -10.44 -8.45
C PRO B 89 6.61 -11.22 -9.33
N VAL B 90 7.13 -11.90 -10.34
CA VAL B 90 6.30 -12.72 -11.24
C VAL B 90 6.90 -14.13 -11.38
N ASN B 91 6.08 -15.11 -11.70
CA ASN B 91 6.53 -16.51 -11.82
C ASN B 91 7.22 -17.03 -10.58
N VAL B 92 6.57 -16.87 -9.43
CA VAL B 92 7.17 -17.32 -8.18
C VAL B 92 7.15 -18.85 -8.09
N GLU B 93 8.31 -19.46 -7.85
CA GLU B 93 8.43 -20.90 -7.79
C GLU B 93 9.23 -21.29 -6.55
N ILE B 94 9.18 -22.58 -6.20
CA ILE B 94 10.14 -23.05 -5.21
C ILE B 94 11.15 -23.94 -5.95
N VAL B 95 12.37 -23.90 -5.47
CA VAL B 95 13.45 -24.70 -6.02
C VAL B 95 14.26 -25.22 -4.85
N ASP B 96 14.63 -26.50 -4.91
CA ASP B 96 15.56 -27.05 -3.92
C ASP B 96 16.82 -27.51 -4.64
N TYR B 97 17.87 -26.70 -4.58
CA TYR B 97 19.19 -27.11 -5.04
C TYR B 97 19.88 -27.97 -3.98
N HIS B 98 20.08 -29.28 -4.21
CA HIS B 98 19.61 -30.02 -5.37
C HIS B 98 19.25 -31.46 -4.94
N GLY C 5 6.13 10.91 -7.99
CA GLY C 5 5.20 11.52 -7.07
C GLY C 5 5.03 13.01 -7.31
N MET C 6 3.80 13.41 -7.66
CA MET C 6 3.43 14.84 -7.78
C MET C 6 2.81 15.38 -6.47
N ARG C 7 1.62 15.99 -6.55
CA ARG C 7 0.94 16.49 -5.33
C ARG C 7 0.36 15.36 -4.48
N PRO C 8 0.26 15.59 -3.16
CA PRO C 8 -0.34 14.48 -2.43
C PRO C 8 -1.85 14.47 -2.64
N ILE C 9 -2.43 13.31 -2.88
CA ILE C 9 -3.87 13.22 -3.09
C ILE C 9 -4.53 12.47 -1.92
N HIS C 10 -5.23 13.24 -1.10
CA HIS C 10 -5.87 12.69 0.06
C HIS C 10 -7.05 11.83 -0.40
N PRO C 11 -7.22 10.63 0.20
CA PRO C 11 -8.33 9.72 -0.16
C PRO C 11 -9.69 10.39 -0.01
N GLY C 12 -9.73 11.42 0.85
CA GLY C 12 -10.91 12.25 0.98
C GLY C 12 -11.26 12.95 -0.32
N GLU C 13 -10.25 13.33 -1.09
CA GLU C 13 -10.51 13.95 -2.38
C GLU C 13 -11.20 12.95 -3.34
N ILE C 14 -10.77 11.70 -3.33
CA ILE C 14 -11.41 10.70 -4.19
C ILE C 14 -12.85 10.51 -3.76
N LEU C 15 -13.05 10.35 -2.46
CA LEU C 15 -14.36 10.16 -1.90
C LEU C 15 -15.29 11.30 -2.32
N ARG C 16 -14.89 12.52 -2.05
CA ARG C 16 -15.72 13.68 -2.37
C ARG C 16 -16.00 13.80 -3.88
N GLU C 17 -14.93 13.84 -4.67
CA GLU C 17 -15.04 14.20 -6.08
C GLU C 17 -15.47 13.06 -6.99
N GLU C 18 -15.16 11.83 -6.62
CA GLU C 18 -15.41 10.72 -7.52
C GLU C 18 -16.63 9.88 -7.08
N PHE C 19 -17.09 10.08 -5.85
CA PHE C 19 -18.32 9.44 -5.41
C PHE C 19 -19.40 10.44 -5.00
N GLN C 20 -19.11 11.28 -4.02
CA GLN C 20 -20.11 12.18 -3.46
C GLN C 20 -20.72 13.15 -4.48
N LYS C 21 -19.88 13.75 -5.33
CA LYS C 21 -20.35 14.74 -6.28
C LYS C 21 -21.29 14.16 -7.32
N GLU C 22 -21.07 12.92 -7.74
CA GLU C 22 -21.88 12.30 -8.79
C GLU C 22 -23.10 11.60 -8.22
N MET C 23 -22.94 10.96 -7.07
CA MET C 23 -24.04 10.29 -6.41
C MET C 23 -24.95 11.28 -5.71
N GLY C 24 -24.38 12.09 -4.83
CA GLY C 24 -25.11 13.18 -4.20
C GLY C 24 -25.40 13.04 -2.73
N PHE C 25 -24.96 11.94 -2.12
CA PHE C 25 -25.21 11.73 -0.68
C PHE C 25 -24.60 12.83 0.18
N SER C 26 -25.17 13.03 1.37
CA SER C 26 -24.59 13.93 2.36
C SER C 26 -23.59 13.15 3.20
N ALA C 27 -22.68 13.86 3.87
CA ALA C 27 -21.75 13.22 4.78
C ALA C 27 -22.49 12.27 5.73
N ALA C 28 -23.58 12.75 6.32
CA ALA C 28 -24.35 11.98 7.29
C ALA C 28 -24.95 10.69 6.72
N ALA C 29 -25.37 10.75 5.46
CA ALA C 29 -25.95 9.58 4.80
C ALA C 29 -24.89 8.48 4.62
N LEU C 30 -23.70 8.88 4.19
CA LEU C 30 -22.59 7.93 4.05
C LEU C 30 -22.22 7.34 5.42
N ALA C 31 -22.13 8.20 6.43
CA ALA C 31 -21.83 7.79 7.79
C ALA C 31 -22.84 6.75 8.27
N ARG C 32 -24.11 6.95 7.91
CA ARG C 32 -25.15 6.02 8.30
C ARG C 32 -25.03 4.68 7.58
N ALA C 33 -24.55 4.69 6.34
CA ALA C 33 -24.37 3.46 5.58
C ALA C 33 -23.15 2.69 6.07
N LEU C 34 -22.08 3.39 6.38
CA LEU C 34 -20.84 2.78 6.85
C LEU C 34 -20.99 2.22 8.26
N GLY C 35 -21.92 2.81 9.01
CA GLY C 35 -22.09 2.50 10.42
C GLY C 35 -21.10 3.21 11.30
N VAL C 36 -20.84 4.50 11.04
CA VAL C 36 -19.90 5.29 11.84
C VAL C 36 -20.50 6.65 12.16
N ALA C 37 -19.90 7.37 13.10
CA ALA C 37 -20.37 8.72 13.46
C ALA C 37 -20.07 9.70 12.35
N THR C 38 -21.01 10.58 12.07
CA THR C 38 -20.88 11.53 10.95
C THR C 38 -19.57 12.32 10.94
N PRO C 39 -19.10 12.82 12.10
CA PRO C 39 -17.83 13.54 12.03
C PRO C 39 -16.66 12.73 11.44
N THR C 40 -16.70 11.41 11.55
CA THR C 40 -15.61 10.61 11.03
C THR C 40 -15.57 10.72 9.50
N VAL C 41 -16.75 10.75 8.87
CA VAL C 41 -16.81 10.93 7.42
C VAL C 41 -16.41 12.35 6.98
N ASN C 42 -16.87 13.37 7.72
CA ASN C 42 -16.45 14.75 7.49
C ASN C 42 -14.94 14.92 7.47
N ASN C 43 -14.31 14.53 8.58
CA ASN C 43 -12.86 14.45 8.71
C ASN C 43 -12.16 14.03 7.44
N ILE C 44 -12.73 13.01 6.79
CA ILE C 44 -12.17 12.46 5.57
C ILE C 44 -12.53 13.34 4.38
N LEU C 45 -13.82 13.65 4.24
CA LEU C 45 -14.27 14.46 3.12
C LEU C 45 -13.60 15.85 3.11
N ARG C 46 -13.34 16.40 4.29
CA ARG C 46 -12.71 17.70 4.36
C ARG C 46 -11.21 17.54 4.41
N GLU C 47 -10.76 16.31 4.20
CA GLU C 47 -9.34 15.95 4.18
C GLU C 47 -8.62 16.34 5.46
N ARG C 48 -9.32 16.22 6.59
CA ARG C 48 -8.73 16.56 7.88
C ARG C 48 -8.10 15.37 8.60
N GLY C 49 -8.47 14.14 8.21
CA GLY C 49 -7.92 12.94 8.86
C GLY C 49 -7.83 11.70 7.97
N GLY C 50 -6.99 10.75 8.35
CA GLY C 50 -6.74 9.59 7.50
C GLY C 50 -7.85 8.54 7.47
N VAL C 51 -7.65 7.50 6.68
CA VAL C 51 -8.57 6.37 6.60
C VAL C 51 -7.95 5.16 7.29
N SER C 52 -8.63 4.64 8.32
CA SER C 52 -8.13 3.47 9.04
C SER C 52 -8.42 2.18 8.26
N ALA C 53 -7.74 1.11 8.66
CA ALA C 53 -7.99 -0.21 8.09
C ALA C 53 -9.48 -0.56 8.25
N ASP C 54 -10.04 -0.24 9.42
CA ASP C 54 -11.47 -0.40 9.67
C ASP C 54 -12.37 0.43 8.72
N MET C 55 -12.07 1.72 8.60
CA MET C 55 -12.82 2.59 7.70
C MET C 55 -12.65 2.13 6.25
N ALA C 56 -11.47 1.59 5.93
CA ALA C 56 -11.23 1.06 4.59
C ALA C 56 -12.18 -0.10 4.28
N LEU C 57 -12.37 -1.01 5.25
CA LEU C 57 -13.28 -2.13 5.03
C LEU C 57 -14.71 -1.65 4.82
N ARG C 58 -15.16 -0.73 5.68
CA ARG C 58 -16.52 -0.24 5.57
C ARG C 58 -16.74 0.43 4.21
N LEU C 59 -15.81 1.30 3.81
CA LEU C 59 -15.89 1.94 2.50
C LEU C 59 -15.94 0.90 1.38
N SER C 60 -15.09 -0.12 1.49
CA SER C 60 -14.98 -1.11 0.41
C SER C 60 -16.28 -1.88 0.24
N ILE C 61 -16.91 -2.23 1.35
CA ILE C 61 -18.20 -2.91 1.29
C ILE C 61 -19.31 -1.96 0.84
N CYS C 62 -19.30 -0.74 1.37
CA CYS C 62 -20.32 0.23 1.02
C CYS C 62 -20.29 0.62 -0.45
N LEU C 63 -19.10 0.86 -0.99
CA LEU C 63 -18.96 1.52 -2.29
C LEU C 63 -18.45 0.60 -3.40
N ASP C 64 -18.45 -0.71 -3.14
CA ASP C 64 -18.02 -1.74 -4.09
C ASP C 64 -16.59 -1.56 -4.57
N THR C 65 -15.66 -1.44 -3.62
CA THR C 65 -14.24 -1.33 -3.92
C THR C 65 -13.45 -2.36 -3.10
N THR C 66 -12.13 -2.35 -3.22
CA THR C 66 -11.29 -3.17 -2.37
C THR C 66 -10.88 -2.31 -1.18
N PRO C 67 -10.58 -2.94 -0.03
CA PRO C 67 -10.10 -2.11 1.09
C PRO C 67 -8.70 -1.56 0.83
N GLU C 68 -7.87 -2.32 0.13
CA GLU C 68 -6.52 -1.88 -0.20
C GLU C 68 -6.52 -0.61 -1.06
N PHE C 69 -7.51 -0.50 -1.94
CA PHE C 69 -7.65 0.72 -2.75
C PHE C 69 -7.62 1.97 -1.85
N TRP C 70 -8.35 1.92 -0.74
CA TRP C 70 -8.39 3.08 0.13
C TRP C 70 -7.09 3.25 0.92
N LEU C 71 -6.49 2.15 1.36
CA LEU C 71 -5.26 2.23 2.13
C LEU C 71 -4.06 2.62 1.26
N ASN C 72 -4.07 2.19 0.00
CA ASN C 72 -3.05 2.62 -0.95
C ASN C 72 -3.04 4.13 -1.18
N LEU C 73 -4.22 4.72 -1.24
CA LEU C 73 -4.31 6.16 -1.43
C LEU C 73 -3.81 6.83 -0.14
N GLN C 74 -4.11 6.21 1.00
CA GLN C 74 -3.69 6.76 2.29
C GLN C 74 -2.18 6.65 2.41
N THR C 75 -1.66 5.52 1.94
CA THR C 75 -0.24 5.29 1.93
C THR C 75 0.52 6.35 1.12
N ALA C 76 0.07 6.56 -0.12
CA ALA C 76 0.75 7.43 -1.05
C ALA C 76 0.65 8.87 -0.53
N PHE C 77 -0.49 9.20 0.09
CA PHE C 77 -0.67 10.54 0.62
C PHE C 77 0.23 10.81 1.81
N ASP C 78 0.24 9.89 2.77
CA ASP C 78 1.10 10.03 3.93
C ASP C 78 2.55 10.09 3.50
N LEU C 79 2.90 9.33 2.47
CA LEU C 79 4.28 9.29 2.04
C LEU C 79 4.66 10.54 1.22
N ARG C 80 3.83 10.98 0.28
CA ARG C 80 4.16 12.25 -0.42
C ARG C 80 4.31 13.36 0.59
N THR C 81 3.39 13.41 1.54
CA THR C 81 3.41 14.46 2.55
C THR C 81 4.74 14.46 3.31
N ALA C 82 5.09 13.32 3.87
CA ALA C 82 6.33 13.17 4.64
C ALA C 82 7.56 13.57 3.82
N GLU C 83 7.60 13.16 2.55
CA GLU C 83 8.72 13.50 1.68
C GLU C 83 8.79 15.00 1.39
N GLN C 84 7.64 15.66 1.33
CA GLN C 84 7.64 17.10 1.11
C GLN C 84 8.04 17.84 2.36
N GLN C 85 7.50 17.42 3.51
CA GLN C 85 7.74 18.13 4.76
C GLN C 85 9.07 17.81 5.43
N HIS C 86 9.53 16.57 5.32
CA HIS C 86 10.67 16.14 6.14
C HIS C 86 11.72 15.39 5.35
N GLY C 87 11.46 15.22 4.06
CA GLY C 87 12.37 14.49 3.18
C GLY C 87 13.81 14.98 3.20
N ASP C 88 14.02 16.25 2.86
CA ASP C 88 15.37 16.80 2.81
C ASP C 88 16.01 16.80 4.20
N GLU C 89 15.18 16.95 5.23
CA GLU C 89 15.67 16.83 6.62
C GLU C 89 16.15 15.40 6.90
N ILE C 90 15.36 14.40 6.53
CA ILE C 90 15.67 13.00 6.88
C ILE C 90 16.83 12.38 6.08
N ILE C 91 16.90 12.71 4.80
CA ILE C 91 17.94 12.12 3.94
C ILE C 91 19.32 12.67 4.31
N GLY C 92 19.35 13.78 5.04
CA GLY C 92 20.61 14.31 5.51
C GLY C 92 20.98 13.83 6.91
N SER C 93 20.06 13.14 7.56
CA SER C 93 20.25 12.72 8.95
C SER C 93 20.61 11.24 9.08
N VAL C 94 19.82 10.38 8.46
CA VAL C 94 19.85 8.95 8.72
C VAL C 94 21.20 8.32 8.36
N GLN C 95 21.73 7.51 9.27
CA GLN C 95 22.93 6.72 9.02
C GLN C 95 22.58 5.44 8.26
N ARG C 96 23.29 5.16 7.16
CA ARG C 96 23.05 3.95 6.38
C ARG C 96 23.77 2.73 6.98
N LEU C 97 23.01 1.70 7.33
CA LEU C 97 23.55 0.47 7.91
C LEU C 97 23.66 -0.69 6.91
N VAL C 98 23.02 -0.55 5.77
CA VAL C 98 22.95 -1.61 4.77
C VAL C 98 23.49 -1.12 3.43
N ALA C 99 24.48 -1.80 2.88
CA ALA C 99 24.99 -1.44 1.54
C ALA C 99 23.93 -1.71 0.47
N SER D 29 -12.27 20.33 -10.74
CA SER D 29 -12.62 21.03 -11.98
C SER D 29 -11.46 21.00 -12.98
N ASP D 30 -10.37 21.65 -12.60
CA ASP D 30 -9.13 21.77 -13.39
C ASP D 30 -8.69 20.42 -13.99
N ILE D 31 -8.46 20.38 -15.30
CA ILE D 31 -8.13 19.13 -16.00
C ILE D 31 -6.85 18.50 -15.49
N LYS D 32 -5.86 19.32 -15.15
CA LYS D 32 -4.61 18.80 -14.64
C LYS D 32 -4.86 18.03 -13.34
N SER D 33 -5.61 18.67 -12.42
CA SER D 33 -5.94 18.11 -11.12
C SER D 33 -6.82 16.88 -11.20
N VAL D 34 -7.65 16.80 -12.22
CA VAL D 34 -8.50 15.64 -12.41
C VAL D 34 -7.62 14.48 -12.91
N ALA D 35 -6.74 14.78 -13.86
CA ALA D 35 -5.81 13.80 -14.41
C ALA D 35 -4.94 13.21 -13.32
N GLU D 36 -4.44 14.08 -12.44
CA GLU D 36 -3.57 13.64 -11.38
C GLU D 36 -4.32 12.67 -10.48
N ARG D 37 -5.60 12.95 -10.28
CA ARG D 37 -6.45 12.17 -9.42
C ARG D 37 -6.80 10.80 -10.05
N LYS D 38 -7.11 10.79 -11.34
CA LYS D 38 -7.36 9.56 -12.07
C LYS D 38 -6.12 8.68 -12.08
N LEU D 39 -4.97 9.32 -12.29
CA LEU D 39 -3.72 8.57 -12.24
C LEU D 39 -3.54 7.93 -10.85
N ALA D 40 -3.71 8.71 -9.79
CA ALA D 40 -3.67 8.18 -8.43
C ALA D 40 -4.55 6.92 -8.23
N MET D 41 -5.75 6.96 -8.80
CA MET D 41 -6.71 5.89 -8.64
C MET D 41 -6.21 4.65 -9.37
N LEU D 42 -5.69 4.84 -10.58
CA LEU D 42 -5.12 3.74 -11.38
C LEU D 42 -4.01 3.05 -10.61
N ASP D 43 -3.11 3.83 -10.02
CA ASP D 43 -1.99 3.27 -9.28
C ASP D 43 -2.49 2.56 -8.02
N ALA D 44 -3.56 3.06 -7.41
CA ALA D 44 -4.02 2.49 -6.17
C ALA D 44 -4.89 1.23 -6.39
N ALA D 45 -5.37 1.05 -7.63
CA ALA D 45 -6.38 0.03 -7.88
C ALA D 45 -5.82 -1.38 -7.69
N THR D 46 -6.70 -2.26 -7.23
CA THR D 46 -6.30 -3.60 -6.87
C THR D 46 -7.17 -4.62 -7.60
N GLU D 47 -8.43 -4.26 -7.87
CA GLU D 47 -9.34 -5.06 -8.67
C GLU D 47 -10.04 -4.10 -9.63
N LEU D 48 -10.58 -4.61 -10.74
CA LEU D 48 -11.25 -3.76 -11.72
C LEU D 48 -12.37 -2.92 -11.10
N ARG D 49 -13.03 -3.45 -10.08
CA ARG D 49 -14.11 -2.74 -9.37
C ARG D 49 -13.67 -1.38 -8.81
N ASP D 50 -12.39 -1.26 -8.45
CA ASP D 50 -11.87 0.00 -7.95
C ASP D 50 -11.97 1.07 -9.05
N LEU D 51 -11.89 0.67 -10.31
CA LEU D 51 -12.01 1.65 -11.39
C LEU D 51 -13.43 1.71 -11.96
N ARG D 52 -14.20 0.63 -11.83
CA ARG D 52 -15.57 0.61 -12.34
C ARG D 52 -16.59 1.24 -11.39
N SER D 53 -16.36 1.12 -10.10
CA SER D 53 -17.35 1.57 -9.13
C SER D 53 -17.51 3.09 -9.07
N PRO D 54 -16.40 3.87 -8.98
CA PRO D 54 -16.59 5.33 -8.87
C PRO D 54 -17.30 5.89 -10.08
N PRO D 55 -18.48 6.48 -9.87
CA PRO D 55 -19.27 6.90 -11.02
C PRO D 55 -18.61 8.06 -11.77
N GLY D 56 -17.77 8.82 -11.08
CA GLY D 56 -16.95 9.85 -11.72
C GLY D 56 -15.96 9.31 -12.75
N ASN D 57 -15.75 8.00 -12.76
CA ASN D 57 -14.92 7.36 -13.77
C ASN D 57 -15.67 7.04 -15.05
N ARG D 58 -17.00 6.94 -14.98
CA ARG D 58 -17.84 6.55 -16.12
C ARG D 58 -17.20 5.42 -16.91
N LEU D 59 -16.71 4.39 -16.23
CA LEU D 59 -15.88 3.37 -16.89
C LEU D 59 -16.60 2.67 -18.05
N GLU D 60 -15.94 2.62 -19.21
CA GLU D 60 -16.48 1.95 -20.39
C GLU D 60 -15.48 0.99 -21.00
N SER D 61 -15.92 0.21 -21.99
CA SER D 61 -15.07 -0.80 -22.64
C SER D 61 -15.34 -0.90 -24.14
N ALA D 67 -10.63 -8.17 -19.35
CA ALA D 67 -9.32 -8.37 -19.95
C ALA D 67 -9.14 -7.45 -21.16
N ASP D 68 -10.26 -7.06 -21.78
CA ASP D 68 -10.26 -6.08 -22.85
C ASP D 68 -9.77 -4.73 -22.30
N GLN D 69 -9.54 -3.78 -23.19
CA GLN D 69 -9.21 -2.44 -22.74
C GLN D 69 -10.46 -1.77 -22.18
N HIS D 70 -10.26 -1.00 -21.12
CA HIS D 70 -11.32 -0.16 -20.57
C HIS D 70 -10.78 1.27 -20.53
N SER D 71 -11.66 2.21 -20.21
CA SER D 71 -11.24 3.58 -20.09
C SER D 71 -12.06 4.31 -19.04
N ILE D 72 -11.49 5.40 -18.49
CA ILE D 72 -12.22 6.24 -17.53
C ILE D 72 -12.26 7.69 -18.01
N ARG D 73 -13.38 8.34 -17.73
CA ARG D 73 -13.55 9.72 -18.13
C ARG D 73 -12.63 10.64 -17.31
N VAL D 74 -11.78 11.40 -18.00
CA VAL D 74 -11.06 12.48 -17.34
C VAL D 74 -11.95 13.73 -17.43
N ASN D 75 -12.48 13.99 -18.62
CA ASN D 75 -13.55 14.98 -18.78
C ASN D 75 -14.36 14.72 -20.06
N ASP D 76 -15.09 15.73 -20.53
CA ASP D 76 -15.88 15.65 -21.76
C ASP D 76 -15.05 15.21 -22.99
N GLN D 77 -13.78 15.59 -23.04
CA GLN D 77 -12.94 15.33 -24.20
C GLN D 77 -11.98 14.13 -24.04
N TRP D 78 -11.36 13.97 -22.86
CA TRP D 78 -10.28 13.00 -22.72
C TRP D 78 -10.61 11.79 -21.85
N ARG D 79 -10.06 10.64 -22.25
CA ARG D 79 -10.22 9.43 -21.49
C ARG D 79 -8.87 8.75 -21.35
N LEU D 80 -8.66 8.13 -20.20
CA LEU D 80 -7.52 7.26 -19.99
C LEU D 80 -7.87 5.83 -20.40
N CYS D 81 -7.29 5.34 -21.49
CA CYS D 81 -7.36 3.92 -21.85
C CYS D 81 -6.32 3.11 -21.10
N PHE D 82 -6.66 1.85 -20.82
CA PHE D 82 -5.75 0.90 -20.17
C PHE D 82 -6.23 -0.54 -20.29
N THR D 83 -5.31 -1.48 -20.11
CA THR D 83 -5.68 -2.89 -19.99
C THR D 83 -5.59 -3.32 -18.53
N TRP D 84 -6.65 -3.96 -18.03
CA TRP D 84 -6.57 -4.48 -16.68
C TRP D 84 -5.83 -5.81 -16.63
N THR D 85 -5.05 -5.96 -15.58
CA THR D 85 -4.14 -7.07 -15.40
C THR D 85 -4.21 -7.45 -13.93
N GLU D 86 -3.80 -8.67 -13.59
CA GLU D 86 -3.72 -9.08 -12.19
C GLU D 86 -2.80 -8.14 -11.43
N HIS D 87 -1.83 -7.57 -12.14
CA HIS D 87 -0.83 -6.66 -11.58
C HIS D 87 -1.21 -5.20 -11.76
N GLY D 88 -2.49 -4.94 -11.95
CA GLY D 88 -2.97 -3.58 -12.08
C GLY D 88 -2.97 -3.12 -13.53
N PRO D 89 -3.18 -1.82 -13.75
CA PRO D 89 -3.31 -1.18 -15.07
C PRO D 89 -2.02 -1.13 -15.86
N VAL D 90 -2.11 -1.44 -17.14
CA VAL D 90 -0.93 -1.51 -18.01
C VAL D 90 -1.29 -0.90 -19.38
N ASN D 91 -0.27 -0.41 -20.11
CA ASN D 91 -0.48 0.26 -21.40
C ASN D 91 -1.43 1.45 -21.28
N VAL D 92 -1.16 2.33 -20.34
CA VAL D 92 -2.06 3.46 -20.14
C VAL D 92 -1.80 4.52 -21.24
N GLU D 93 -2.88 5.05 -21.81
CA GLU D 93 -2.79 6.02 -22.88
C GLU D 93 -3.93 7.03 -22.75
N ILE D 94 -3.83 8.15 -23.46
CA ILE D 94 -4.97 9.05 -23.52
C ILE D 94 -5.62 8.96 -24.89
N VAL D 95 -6.93 9.11 -24.90
CA VAL D 95 -7.71 9.02 -26.12
C VAL D 95 -8.73 10.12 -26.08
N ASP D 96 -8.87 10.82 -27.20
CA ASP D 96 -9.96 11.77 -27.38
C ASP D 96 -10.86 11.23 -28.50
N TYR D 97 -11.89 10.49 -28.12
CA TYR D 97 -12.82 9.96 -29.11
C TYR D 97 -13.64 11.07 -29.77
N HIS D 98 -13.63 11.08 -31.10
CA HIS D 98 -14.51 11.97 -31.87
C HIS D 98 -14.75 11.42 -33.27
S SO4 E . 24.15 0.04 22.23
O1 SO4 E . 25.14 0.69 23.09
O2 SO4 E . 23.81 0.96 21.16
O3 SO4 E . 24.71 -1.18 21.66
O4 SO4 E . 22.95 -0.28 23.02
C1 PEG F . 16.47 -1.74 -6.97
O1 PEG F . 17.65 -2.07 -7.66
C2 PEG F . 15.49 -1.11 -7.93
O2 PEG F . 14.54 -2.11 -8.39
C3 PEG F . 14.71 -2.56 -9.73
C4 PEG F . 13.52 -2.21 -10.55
O4 PEG F . 12.51 -1.49 -9.77
S SO4 G . -29.50 13.93 5.42
O1 SO4 G . -30.88 14.41 5.28
O2 SO4 G . -28.59 15.04 5.18
O3 SO4 G . -29.29 13.43 6.78
O4 SO4 G . -29.28 12.86 4.45
C1 PEG H . -8.78 -8.37 -10.57
O1 PEG H . -9.17 -9.32 -9.61
C2 PEG H . -9.94 -8.14 -11.51
O2 PEG H . -11.04 -7.50 -10.80
C3 PEG H . -12.01 -8.40 -10.25
C4 PEG H . -13.29 -7.70 -9.98
O4 PEG H . -13.03 -6.29 -9.79
C1 PEG I . 2.34 7.28 -12.09
O1 PEG I . 2.29 5.89 -12.35
C2 PEG I . 1.23 7.70 -11.16
O2 PEG I . 1.47 9.06 -10.72
C3 PEG I . 0.54 9.53 -9.73
C4 PEG I . 0.62 11.01 -9.58
O4 PEG I . -0.61 11.56 -9.05
#